data_9FF6
#
_entry.id   9FF6
#
_cell.length_a   42.977
_cell.length_b   85.484
_cell.length_c   63.700
_cell.angle_alpha   90.00
_cell.angle_beta   90.00
_cell.angle_gamma   90.00
#
_symmetry.space_group_name_H-M   'P 21 21 2'
#
loop_
_entity.id
_entity.type
_entity.pdbx_description
1 polymer Transthyretin
2 non-polymer '4-[(~{Z})-(2-methoxyphenyl)methoxyiminomethyl]benzoic acid'
3 non-polymer GLYCEROL
4 non-polymer 1,2-ETHANEDIOL
5 water water
#
_entity_poly.entity_id   1
_entity_poly.type   'polypeptide(L)'
_entity_poly.pdbx_seq_one_letter_code
;GPTGTGESKCPLMVKVLDAVRGSPAINVAVHVFRKAADDTWEPFASGKTSESGELHGLTTEEEFVEGIYKVEIDTKSYWK
ALGISPFHEHAEVVFTANDSGPRRYTIAALLSPYSYSTTAVVTNP
;
_entity_poly.pdbx_strand_id   A,B
#
loop_
_chem_comp.id
_chem_comp.type
_chem_comp.name
_chem_comp.formula
A1ICE non-polymer '4-[(~{Z})-(2-methoxyphenyl)methoxyiminomethyl]benzoic acid' 'C16 H15 N O4'
EDO non-polymer 1,2-ETHANEDIOL 'C2 H6 O2'
GOL non-polymer GLYCEROL 'C3 H8 O3'
#
# COMPACT_ATOMS: atom_id res chain seq x y z
N LYS A 9 4.17 4.03 -23.11
CA LYS A 9 5.16 2.92 -23.07
C LYS A 9 4.56 1.71 -22.37
N CYS A 10 5.05 0.50 -22.67
CA CYS A 10 4.49 -0.76 -22.13
C CYS A 10 5.16 -1.45 -20.92
N PRO A 11 6.44 -1.25 -20.49
CA PRO A 11 6.96 -2.05 -19.36
C PRO A 11 6.26 -1.80 -18.04
N LEU A 12 5.80 -0.57 -17.80
CA LEU A 12 5.16 -0.22 -16.53
C LEU A 12 4.02 0.73 -16.83
N MET A 13 2.81 0.30 -16.47
CA MET A 13 1.60 1.09 -16.66
C MET A 13 0.83 1.08 -15.35
N VAL A 14 0.18 2.21 -15.04
CA VAL A 14 -0.61 2.34 -13.82
C VAL A 14 -2.03 2.75 -14.23
N LYS A 15 -3.03 2.06 -13.68
CA LYS A 15 -4.44 2.33 -13.95
C LYS A 15 -5.15 2.55 -12.62
N VAL A 16 -5.91 3.63 -12.51
CA VAL A 16 -6.55 4.02 -11.25
C VAL A 16 -8.03 4.24 -11.52
N LEU A 17 -8.86 3.61 -10.69
CA LEU A 17 -10.31 3.69 -10.77
C LEU A 17 -10.87 4.22 -9.46
N ASP A 18 -12.00 4.91 -9.57
CA ASP A 18 -12.76 5.51 -8.47
C ASP A 18 -14.00 4.67 -8.21
N ALA A 19 -14.06 4.05 -7.04
CA ALA A 19 -15.15 3.16 -6.65
C ALA A 19 -16.38 3.91 -6.12
N VAL A 20 -16.29 5.21 -5.91
CA VAL A 20 -17.43 6.04 -5.51
C VAL A 20 -18.21 6.50 -6.73
N ARG A 21 -17.53 6.92 -7.76
CA ARG A 21 -18.14 7.48 -8.93
C ARG A 21 -18.27 6.50 -10.06
N GLY A 22 -17.61 5.34 -10.02
CA GLY A 22 -17.67 4.39 -11.10
C GLY A 22 -16.99 4.94 -12.35
N SER A 23 -15.78 5.47 -12.19
CA SER A 23 -15.12 6.21 -13.26
C SER A 23 -13.63 5.99 -13.15
N PRO A 24 -12.87 6.25 -14.21
N PRO A 24 -12.88 6.29 -14.22
CA PRO A 24 -11.41 6.34 -14.03
CA PRO A 24 -11.44 6.46 -14.06
C PRO A 24 -11.06 7.56 -13.18
C PRO A 24 -11.19 7.51 -12.99
N ALA A 25 -10.04 7.38 -12.34
CA ALA A 25 -9.56 8.42 -11.43
C ALA A 25 -8.55 9.25 -12.24
N ILE A 26 -8.95 10.45 -12.60
CA ILE A 26 -8.19 11.27 -13.54
CA ILE A 26 -8.24 11.32 -13.54
C ILE A 26 -7.32 12.26 -12.77
N ASN A 27 -6.16 12.55 -13.35
CA ASN A 27 -5.27 13.58 -12.83
CA ASN A 27 -5.22 13.55 -12.86
C ASN A 27 -4.65 13.19 -11.50
N VAL A 28 -4.49 11.90 -11.26
CA VAL A 28 -3.89 11.38 -10.03
C VAL A 28 -2.37 11.35 -10.21
N ALA A 29 -1.66 11.97 -9.27
CA ALA A 29 -0.21 11.96 -9.31
C ALA A 29 0.32 10.60 -8.88
N VAL A 30 1.32 10.14 -9.60
CA VAL A 30 1.98 8.86 -9.37
C VAL A 30 3.49 9.09 -9.36
N HIS A 31 4.16 8.62 -8.32
CA HIS A 31 5.62 8.70 -8.21
C HIS A 31 6.19 7.30 -8.06
N VAL A 32 7.17 6.99 -8.87
CA VAL A 32 7.85 5.70 -8.88
C VAL A 32 9.25 5.90 -8.33
N PHE A 33 9.64 5.02 -7.42
CA PHE A 33 10.98 5.03 -6.81
C PHE A 33 11.62 3.67 -7.00
N ARG A 34 12.94 3.64 -6.93
CA ARG A 34 13.71 2.40 -7.08
C ARG A 34 14.73 2.35 -5.96
N LYS A 35 14.84 1.22 -5.29
CA LYS A 35 15.76 1.12 -4.16
CA LYS A 35 15.77 1.10 -4.17
C LYS A 35 17.21 1.10 -4.67
N ALA A 36 18.02 2.00 -4.13
CA ALA A 36 19.42 2.16 -4.49
C ALA A 36 20.29 1.20 -3.68
N ALA A 37 21.58 1.16 -4.06
CA ALA A 37 22.52 0.27 -3.40
C ALA A 37 22.63 0.59 -1.91
N ASP A 38 22.45 1.86 -1.53
CA ASP A 38 22.47 2.26 -0.13
C ASP A 38 21.12 2.05 0.58
N ASP A 39 20.18 1.34 -0.05
CA ASP A 39 18.88 1.00 0.54
C ASP A 39 17.95 2.19 0.70
N THR A 40 18.22 3.31 0.03
CA THR A 40 17.31 4.43 0.01
C THR A 40 16.46 4.36 -1.25
N TRP A 41 15.38 5.15 -1.28
CA TRP A 41 14.40 5.15 -2.37
C TRP A 41 14.69 6.28 -3.35
N GLU A 42 15.39 5.97 -4.42
N GLU A 42 15.21 5.95 -4.47
CA GLU A 42 15.70 6.99 -5.41
CA GLU A 42 15.67 6.97 -5.40
C GLU A 42 14.46 7.29 -6.26
C GLU A 42 14.57 7.27 -6.41
N PRO A 43 14.30 8.54 -6.72
CA PRO A 43 13.27 8.83 -7.70
C PRO A 43 13.57 8.12 -9.02
N PHE A 44 12.55 7.55 -9.62
CA PHE A 44 12.67 6.80 -10.86
C PHE A 44 11.84 7.40 -11.99
N ALA A 45 10.57 7.72 -11.76
CA ALA A 45 9.71 8.28 -12.78
C ALA A 45 8.48 8.82 -12.06
N SER A 46 7.76 9.72 -12.72
CA SER A 46 6.48 10.21 -12.19
C SER A 46 5.61 10.70 -13.33
N GLY A 47 4.32 10.85 -13.01
CA GLY A 47 3.37 11.35 -13.97
C GLY A 47 1.99 11.46 -13.33
N LYS A 48 1.00 11.71 -14.17
N LYS A 48 1.01 11.74 -14.19
CA LYS A 48 -0.36 11.77 -13.66
CA LYS A 48 -0.38 11.88 -13.77
C LYS A 48 -1.32 11.12 -14.64
C LYS A 48 -1.25 10.99 -14.65
N THR A 49 -2.31 10.44 -14.07
CA THR A 49 -3.25 9.66 -14.85
C THR A 49 -4.03 10.55 -15.82
N SER A 50 -4.32 9.96 -16.97
CA SER A 50 -5.07 10.59 -18.04
C SER A 50 -6.57 10.54 -17.76
N GLU A 51 -7.32 11.02 -18.74
CA GLU A 51 -8.76 10.96 -18.58
CA GLU A 51 -8.78 10.95 -18.68
C GLU A 51 -9.29 9.53 -18.61
N SER A 52 -8.51 8.54 -19.07
CA SER A 52 -8.85 7.13 -18.96
C SER A 52 -8.42 6.50 -17.62
N GLY A 53 -7.82 7.28 -16.74
CA GLY A 53 -7.28 6.76 -15.51
C GLY A 53 -5.95 6.05 -15.66
N GLU A 54 -5.30 6.18 -16.81
CA GLU A 54 -4.10 5.42 -17.11
C GLU A 54 -2.89 6.32 -17.20
N LEU A 55 -1.75 5.77 -16.83
CA LEU A 55 -0.49 6.47 -16.92
C LEU A 55 0.44 5.52 -17.63
N HIS A 56 0.86 5.95 -18.81
CA HIS A 56 1.78 5.27 -19.69
C HIS A 56 3.06 6.08 -19.77
N GLY A 57 4.08 5.47 -20.36
CA GLY A 57 5.28 6.22 -20.68
C GLY A 57 6.15 6.55 -19.50
N LEU A 58 5.98 5.86 -18.37
CA LEU A 58 6.82 6.13 -17.22
C LEU A 58 8.28 5.72 -17.46
N THR A 59 8.51 4.63 -18.18
CA THR A 59 9.87 4.16 -18.38
C THR A 59 9.99 3.42 -19.69
N THR A 60 11.17 2.87 -19.94
CA THR A 60 11.47 2.09 -21.12
C THR A 60 11.98 0.74 -20.68
N GLU A 61 11.98 -0.23 -21.60
N GLU A 61 11.93 -0.21 -21.61
CA GLU A 61 12.54 -1.53 -21.25
CA GLU A 61 12.55 -1.51 -21.39
C GLU A 61 14.02 -1.42 -20.85
C GLU A 61 13.97 -1.37 -20.84
N GLU A 62 14.76 -0.49 -21.46
CA GLU A 62 16.18 -0.36 -21.13
C GLU A 62 16.38 0.21 -19.72
N GLU A 63 15.62 1.22 -19.33
N GLU A 63 15.58 1.18 -19.35
CA GLU A 63 15.87 1.81 -18.02
CA GLU A 63 15.76 1.86 -18.09
C GLU A 63 15.24 1.02 -16.88
C GLU A 63 15.22 1.05 -16.91
N PHE A 64 14.23 0.20 -17.19
CA PHE A 64 13.50 -0.56 -16.17
C PHE A 64 14.20 -1.88 -15.90
N VAL A 65 15.32 -1.75 -15.21
CA VAL A 65 16.19 -2.88 -14.89
C VAL A 65 15.63 -3.61 -13.67
N GLU A 66 16.23 -4.75 -13.33
CA GLU A 66 15.91 -5.43 -12.07
C GLU A 66 16.02 -4.48 -10.92
N GLY A 67 15.13 -4.61 -9.95
CA GLY A 67 15.24 -3.85 -8.73
C GLY A 67 13.96 -3.97 -7.92
N ILE A 68 13.97 -3.29 -6.80
CA ILE A 68 12.79 -3.14 -5.96
C ILE A 68 12.22 -1.76 -6.21
N TYR A 69 10.98 -1.71 -6.65
CA TYR A 69 10.33 -0.49 -7.05
C TYR A 69 9.15 -0.21 -6.14
N LYS A 70 8.87 1.09 -5.95
CA LYS A 70 7.74 1.56 -5.12
C LYS A 70 6.90 2.53 -5.95
N VAL A 71 5.67 2.20 -6.23
CA VAL A 71 4.72 3.05 -6.96
C VAL A 71 3.82 3.68 -5.93
N GLU A 72 3.99 4.97 -5.72
CA GLU A 72 3.13 5.75 -4.82
C GLU A 72 2.06 6.43 -5.67
N ILE A 73 0.82 6.30 -5.25
CA ILE A 73 -0.32 6.93 -5.91
C ILE A 73 -0.89 7.92 -4.91
N ASP A 74 -0.99 9.18 -5.31
CA ASP A 74 -1.31 10.24 -4.35
C ASP A 74 -2.83 10.38 -4.25
N THR A 75 -3.41 9.41 -3.53
CA THR A 75 -4.86 9.30 -3.42
C THR A 75 -5.45 10.39 -2.53
N LYS A 76 -4.70 10.83 -1.52
CA LYS A 76 -5.27 11.80 -0.54
C LYS A 76 -5.66 13.09 -1.26
N SER A 77 -4.79 13.58 -2.16
CA SER A 77 -5.02 14.82 -2.94
C SER A 77 -6.19 14.61 -3.90
N TYR A 78 -6.29 13.43 -4.50
CA TYR A 78 -7.41 13.14 -5.37
C TYR A 78 -8.74 13.33 -4.62
N TRP A 79 -8.87 12.68 -3.48
CA TRP A 79 -10.12 12.76 -2.72
C TRP A 79 -10.39 14.16 -2.20
N LYS A 80 -9.36 14.88 -1.78
CA LYS A 80 -9.56 16.23 -1.19
C LYS A 80 -10.16 17.15 -2.27
N ALA A 81 -9.74 17.00 -3.53
CA ALA A 81 -10.23 17.83 -4.65
C ALA A 81 -11.71 17.55 -4.92
N LEU A 82 -12.24 16.40 -4.51
CA LEU A 82 -13.64 16.05 -4.64
C LEU A 82 -14.43 16.36 -3.37
N GLY A 83 -13.81 16.98 -2.35
CA GLY A 83 -14.47 17.35 -1.12
C GLY A 83 -14.42 16.32 -0.01
N ILE A 84 -13.71 15.21 -0.20
CA ILE A 84 -13.70 14.06 0.72
C ILE A 84 -12.39 14.06 1.47
N SER A 85 -12.47 13.90 2.79
N SER A 85 -12.47 13.91 2.79
CA SER A 85 -11.30 13.77 3.63
CA SER A 85 -11.29 13.76 3.63
C SER A 85 -11.04 12.28 3.82
C SER A 85 -11.04 12.27 3.81
N PRO A 86 -10.07 11.71 3.11
CA PRO A 86 -9.92 10.25 3.09
C PRO A 86 -8.97 9.78 4.20
N PHE A 87 -8.93 8.49 4.37
CA PHE A 87 -8.12 7.89 5.43
C PHE A 87 -6.65 7.85 5.08
N HIS A 88 -6.31 7.41 3.87
CA HIS A 88 -4.93 7.10 3.55
C HIS A 88 -4.21 8.29 2.94
N GLU A 89 -2.91 8.37 3.21
CA GLU A 89 -2.10 9.39 2.57
C GLU A 89 -1.86 9.08 1.09
N HIS A 90 -1.70 7.81 0.78
CA HIS A 90 -1.42 7.35 -0.56
C HIS A 90 -1.76 5.88 -0.61
N ALA A 91 -1.68 5.33 -1.80
CA ALA A 91 -1.65 3.89 -1.98
C ALA A 91 -0.23 3.60 -2.46
N GLU A 92 0.49 2.76 -1.72
CA GLU A 92 1.86 2.36 -2.11
C GLU A 92 1.81 0.94 -2.65
N VAL A 93 2.62 0.63 -3.65
CA VAL A 93 2.76 -0.69 -4.21
C VAL A 93 4.25 -0.94 -4.34
N VAL A 94 4.79 -1.91 -3.62
CA VAL A 94 6.21 -2.19 -3.55
C VAL A 94 6.46 -3.61 -4.03
N PHE A 95 7.37 -3.77 -4.99
CA PHE A 95 7.54 -5.06 -5.66
C PHE A 95 8.94 -5.16 -6.25
N THR A 96 9.43 -6.38 -6.33
CA THR A 96 10.62 -6.66 -7.13
C THR A 96 10.22 -6.86 -8.59
N ALA A 97 10.96 -6.20 -9.48
CA ALA A 97 10.67 -6.28 -10.91
C ALA A 97 11.82 -6.93 -11.66
N ASN A 98 11.47 -7.65 -12.71
CA ASN A 98 12.38 -8.16 -13.75
C ASN A 98 13.43 -9.12 -13.20
N ASP A 99 13.14 -9.82 -12.10
CA ASP A 99 14.11 -10.70 -11.42
C ASP A 99 14.39 -11.96 -12.25
N SER A 100 13.45 -12.38 -13.10
CA SER A 100 13.60 -13.51 -14.00
C SER A 100 13.52 -13.04 -15.45
N GLY A 101 14.05 -11.85 -15.71
CA GLY A 101 14.00 -11.27 -17.03
C GLY A 101 12.91 -10.22 -17.16
N PRO A 102 12.90 -9.49 -18.28
CA PRO A 102 11.95 -8.40 -18.45
C PRO A 102 10.53 -8.94 -18.43
N ARG A 103 9.66 -8.19 -17.75
CA ARG A 103 8.21 -8.41 -17.82
C ARG A 103 7.53 -7.06 -18.02
N ARG A 104 6.28 -7.14 -18.47
CA ARG A 104 5.41 -5.98 -18.48
C ARG A 104 4.59 -6.02 -17.20
N TYR A 105 4.38 -4.85 -16.60
CA TYR A 105 3.64 -4.75 -15.36
C TYR A 105 2.56 -3.69 -15.49
N THR A 106 1.31 -4.06 -15.18
CA THR A 106 0.24 -3.11 -14.96
C THR A 106 -0.15 -3.15 -13.50
N ILE A 107 -0.07 -1.99 -12.86
CA ILE A 107 -0.45 -1.82 -11.47
C ILE A 107 -1.81 -1.16 -11.51
N ALA A 108 -2.83 -1.86 -11.05
CA ALA A 108 -4.18 -1.32 -11.02
C ALA A 108 -4.55 -1.03 -9.58
N ALA A 109 -5.22 0.10 -9.37
CA ALA A 109 -5.67 0.51 -8.04
C ALA A 109 -7.13 0.95 -8.12
N LEU A 110 -7.90 0.52 -7.14
CA LEU A 110 -9.31 0.87 -7.04
C LEU A 110 -9.51 1.60 -5.72
N LEU A 111 -10.00 2.83 -5.79
CA LEU A 111 -9.96 3.76 -4.66
C LEU A 111 -11.33 4.04 -4.06
N SER A 112 -11.41 4.02 -2.74
CA SER A 112 -12.52 4.55 -1.97
C SER A 112 -11.97 5.42 -0.85
N PRO A 113 -12.79 6.26 -0.22
CA PRO A 113 -12.24 7.19 0.78
C PRO A 113 -11.53 6.51 1.93
N TYR A 114 -11.98 5.36 2.41
CA TYR A 114 -11.37 4.65 3.54
C TYR A 114 -10.77 3.30 3.14
N SER A 115 -10.57 3.05 1.85
CA SER A 115 -10.12 1.75 1.40
C SER A 115 -9.48 1.87 0.03
N TYR A 116 -8.55 0.97 -0.25
CA TYR A 116 -8.12 0.78 -1.62
C TYR A 116 -7.74 -0.67 -1.84
N SER A 117 -7.81 -1.05 -3.10
CA SER A 117 -7.31 -2.33 -3.57
C SER A 117 -6.23 -2.08 -4.61
N THR A 118 -5.34 -3.05 -4.74
CA THR A 118 -4.35 -2.94 -5.82
C THR A 118 -4.07 -4.36 -6.30
N THR A 119 -3.91 -4.54 -7.61
CA THR A 119 -3.59 -5.84 -8.20
C THR A 119 -2.48 -5.62 -9.19
N ALA A 120 -1.74 -6.68 -9.45
CA ALA A 120 -0.73 -6.50 -10.56
C ALA A 120 -1.02 -7.49 -11.66
N VAL A 121 -0.98 -7.07 -12.92
CA VAL A 121 -1.03 -7.98 -14.06
C VAL A 121 0.36 -7.97 -14.67
N VAL A 122 0.99 -9.13 -14.69
CA VAL A 122 2.38 -9.30 -15.12
C VAL A 122 2.36 -10.21 -16.34
N THR A 123 2.89 -9.73 -17.45
CA THR A 123 2.95 -10.49 -18.71
C THR A 123 4.39 -10.63 -19.17
N ASN A 124 4.66 -11.75 -19.87
CA ASN A 124 5.99 -11.98 -20.40
C ASN A 124 5.97 -11.58 -21.87
N PRO A 125 6.70 -10.54 -22.29
CA PRO A 125 6.59 -10.04 -23.67
C PRO A 125 7.03 -11.06 -24.70
N CYS B 10 -7.43 -0.03 23.43
CA CYS B 10 -6.63 -0.44 22.28
C CYS B 10 -7.01 0.42 21.08
N PRO B 11 -6.28 1.50 20.83
CA PRO B 11 -6.69 2.41 19.76
C PRO B 11 -6.33 1.95 18.37
N LEU B 12 -5.49 0.92 18.20
CA LEU B 12 -4.99 0.48 16.90
C LEU B 12 -4.96 -1.03 16.88
N MET B 13 -5.72 -1.63 15.96
CA MET B 13 -5.76 -3.06 15.77
C MET B 13 -5.54 -3.33 14.30
N VAL B 14 -4.95 -4.49 14.00
CA VAL B 14 -4.71 -4.91 12.63
C VAL B 14 -5.33 -6.30 12.45
N LYS B 15 -6.09 -6.48 11.37
CA LYS B 15 -6.71 -7.75 11.05
C LYS B 15 -6.32 -8.13 9.62
N VAL B 16 -5.87 -9.35 9.43
CA VAL B 16 -5.36 -9.81 8.14
C VAL B 16 -6.04 -11.12 7.77
N LEU B 17 -6.59 -11.17 6.54
CA LEU B 17 -7.29 -12.32 6.00
C LEU B 17 -6.59 -12.80 4.73
N ASP B 18 -6.71 -14.08 4.46
CA ASP B 18 -6.09 -14.77 3.35
C ASP B 18 -7.22 -15.17 2.39
N ALA B 19 -7.22 -14.56 1.21
CA ALA B 19 -8.23 -14.75 0.19
C ALA B 19 -8.04 -16.03 -0.62
N VAL B 20 -6.88 -16.69 -0.51
CA VAL B 20 -6.64 -17.96 -1.18
C VAL B 20 -7.14 -19.11 -0.34
N ARG B 21 -6.84 -19.09 0.95
CA ARG B 21 -7.23 -20.17 1.86
C ARG B 21 -8.58 -19.95 2.54
N GLY B 22 -9.12 -18.73 2.50
CA GLY B 22 -10.35 -18.40 3.18
C GLY B 22 -10.20 -18.50 4.67
N SER B 23 -9.19 -17.85 5.21
CA SER B 23 -8.79 -18.03 6.60
C SER B 23 -8.20 -16.73 7.10
N PRO B 24 -8.09 -16.58 8.41
CA PRO B 24 -7.17 -15.59 8.95
C PRO B 24 -5.78 -15.85 8.39
N ALA B 25 -5.02 -14.77 8.26
CA ALA B 25 -3.61 -14.85 7.91
C ALA B 25 -2.82 -14.85 9.21
N ILE B 26 -2.29 -16.02 9.56
N ILE B 26 -2.35 -16.03 9.62
CA ILE B 26 -1.71 -16.29 10.87
CA ILE B 26 -1.71 -16.19 10.92
C ILE B 26 -0.19 -16.13 10.80
C ILE B 26 -0.21 -16.03 10.77
N ASN B 27 0.40 -15.55 11.84
CA ASN B 27 1.86 -15.44 11.95
CA ASN B 27 1.86 -15.43 11.97
C ASN B 27 2.44 -14.51 10.91
N VAL B 28 1.72 -13.46 10.56
CA VAL B 28 2.20 -12.44 9.66
C VAL B 28 2.86 -11.34 10.47
N ALA B 29 4.09 -11.00 10.11
CA ALA B 29 4.76 -9.88 10.81
C ALA B 29 4.16 -8.55 10.38
N VAL B 30 3.94 -7.69 11.35
CA VAL B 30 3.38 -6.36 11.14
C VAL B 30 4.26 -5.37 11.86
N HIS B 31 4.68 -4.31 11.17
CA HIS B 31 5.49 -3.27 11.78
C HIS B 31 4.78 -1.93 11.60
N VAL B 32 4.70 -1.16 12.67
CA VAL B 32 4.10 0.17 12.65
C VAL B 32 5.21 1.16 12.87
N PHE B 33 5.18 2.23 12.11
CA PHE B 33 6.16 3.31 12.17
C PHE B 33 5.41 4.61 12.34
N ARG B 34 6.08 5.61 12.90
CA ARG B 34 5.54 6.96 13.00
CA ARG B 34 5.54 6.95 12.97
C ARG B 34 6.52 7.90 12.31
N LYS B 35 6.01 8.85 11.55
CA LYS B 35 6.88 9.72 10.77
C LYS B 35 7.48 10.76 11.71
N ALA B 36 8.80 10.92 11.64
CA ALA B 36 9.52 11.84 12.51
C ALA B 36 9.64 13.20 11.83
N ALA B 37 10.12 14.18 12.62
CA ALA B 37 10.13 15.56 12.15
C ALA B 37 11.05 15.75 10.96
N ASP B 38 12.08 14.90 10.83
CA ASP B 38 12.98 14.89 9.68
C ASP B 38 12.49 14.00 8.54
N ASP B 39 11.21 13.60 8.57
CA ASP B 39 10.54 12.86 7.51
C ASP B 39 10.95 11.39 7.39
N THR B 40 11.72 10.87 8.34
CA THR B 40 12.02 9.45 8.36
C THR B 40 10.96 8.67 9.13
N TRP B 41 10.95 7.36 8.92
CA TRP B 41 9.99 6.47 9.57
C TRP B 41 10.65 5.88 10.81
N GLU B 42 10.13 6.21 11.97
N GLU B 42 10.14 6.20 11.95
CA GLU B 42 10.74 5.66 13.18
CA GLU B 42 10.67 5.69 13.21
C GLU B 42 9.90 4.51 13.71
C GLU B 42 9.87 4.46 13.64
N PRO B 43 10.52 3.36 14.01
CA PRO B 43 9.77 2.24 14.56
C PRO B 43 8.93 2.64 15.76
N PHE B 44 7.71 2.10 15.82
CA PHE B 44 6.70 2.49 16.79
C PHE B 44 6.17 1.27 17.54
N ALA B 45 5.80 0.21 16.83
CA ALA B 45 5.27 -0.99 17.44
C ALA B 45 5.33 -2.08 16.39
N SER B 46 5.29 -3.33 16.85
CA SER B 46 5.25 -4.47 15.91
C SER B 46 4.77 -5.72 16.63
N GLY B 47 4.46 -6.75 15.83
CA GLY B 47 4.09 -8.04 16.36
C GLY B 47 3.76 -8.96 15.21
N LYS B 48 3.21 -10.13 15.55
CA LYS B 48 2.80 -11.12 14.56
C LYS B 48 1.31 -11.37 14.76
N THR B 49 0.59 -11.57 13.67
CA THR B 49 -0.84 -11.84 13.82
C THR B 49 -1.06 -13.18 14.51
N SER B 50 -2.15 -13.23 15.27
CA SER B 50 -2.57 -14.40 16.04
C SER B 50 -3.26 -15.43 15.15
N GLU B 51 -3.75 -16.49 15.81
CA GLU B 51 -4.47 -17.53 15.09
CA GLU B 51 -4.47 -17.53 15.09
C GLU B 51 -5.78 -17.01 14.52
N SER B 52 -6.25 -15.85 14.97
CA SER B 52 -7.43 -15.22 14.43
C SER B 52 -7.07 -14.16 13.40
N GLY B 53 -5.79 -14.04 13.06
CA GLY B 53 -5.39 -13.04 12.09
C GLY B 53 -5.29 -11.66 12.66
N GLU B 54 -5.31 -11.50 13.98
CA GLU B 54 -5.40 -10.19 14.59
C GLU B 54 -4.13 -9.87 15.37
N LEU B 55 -3.90 -8.59 15.51
CA LEU B 55 -2.78 -8.11 16.29
C LEU B 55 -3.31 -6.95 17.11
N HIS B 56 -3.35 -7.17 18.43
N HIS B 56 -3.40 -7.14 18.42
CA HIS B 56 -3.83 -6.22 19.41
CA HIS B 56 -3.84 -6.09 19.33
C HIS B 56 -2.63 -5.75 20.23
C HIS B 56 -2.80 -5.91 20.42
N GLY B 57 -2.88 -4.76 21.08
CA GLY B 57 -1.87 -4.38 22.05
C GLY B 57 -0.69 -3.65 21.45
N LEU B 58 -0.83 -3.14 20.23
CA LEU B 58 0.28 -2.45 19.60
C LEU B 58 0.66 -1.18 20.35
N THR B 59 -0.33 -0.42 20.82
CA THR B 59 -0.06 0.87 21.44
C THR B 59 -1.12 1.19 22.48
N THR B 60 -0.95 2.33 23.12
CA THR B 60 -1.85 2.83 24.14
C THR B 60 -2.45 4.12 23.65
N GLU B 61 -3.55 4.52 24.28
CA GLU B 61 -4.11 5.83 23.98
C GLU B 61 -3.10 6.95 24.24
N GLU B 62 -2.31 6.83 25.31
N GLU B 62 -2.33 6.80 25.32
CA GLU B 62 -1.37 7.90 25.63
CA GLU B 62 -1.35 7.80 25.70
C GLU B 62 -0.36 8.10 24.51
C GLU B 62 -0.30 7.98 24.61
N GLU B 63 0.23 7.02 24.00
N GLU B 63 0.16 6.88 24.01
CA GLU B 63 1.30 7.15 23.03
CA GLU B 63 1.26 6.93 23.07
C GLU B 63 0.80 7.37 21.61
C GLU B 63 0.84 7.23 21.65
N PHE B 64 -0.43 6.97 21.31
CA PHE B 64 -0.93 7.06 19.93
C PHE B 64 -1.49 8.46 19.65
N VAL B 65 -0.58 9.41 19.60
CA VAL B 65 -0.93 10.80 19.34
C VAL B 65 -1.11 11.08 17.86
N GLU B 66 -1.64 12.24 17.53
CA GLU B 66 -1.82 12.60 16.14
C GLU B 66 -0.47 12.58 15.44
N GLY B 67 -0.49 12.21 14.17
CA GLY B 67 0.74 12.10 13.43
C GLY B 67 0.47 11.22 12.23
N ILE B 68 1.52 11.01 11.44
CA ILE B 68 1.43 10.12 10.27
C ILE B 68 2.06 8.80 10.64
N TYR B 69 1.33 7.72 10.40
CA TYR B 69 1.71 6.36 10.74
C TYR B 69 1.75 5.51 9.49
N LYS B 70 2.62 4.51 9.50
CA LYS B 70 2.68 3.51 8.44
C LYS B 70 2.60 2.14 9.09
N VAL B 71 1.68 1.32 8.59
CA VAL B 71 1.55 -0.08 8.97
C VAL B 71 2.06 -0.91 7.80
N GLU B 72 3.19 -1.58 7.98
CA GLU B 72 3.70 -2.51 7.00
C GLU B 72 3.31 -3.91 7.41
N ILE B 73 2.74 -4.66 6.48
CA ILE B 73 2.35 -6.05 6.67
C ILE B 73 3.27 -6.87 5.78
N ASP B 74 4.00 -7.81 6.36
CA ASP B 74 5.06 -8.51 5.62
C ASP B 74 4.48 -9.72 4.88
N THR B 75 3.78 -9.39 3.80
CA THR B 75 3.03 -10.34 3.01
C THR B 75 3.92 -11.28 2.23
N LYS B 76 5.07 -10.82 1.75
CA LYS B 76 5.92 -11.70 0.94
C LYS B 76 6.36 -12.94 1.73
N SER B 77 6.79 -12.76 2.97
CA SER B 77 7.21 -13.92 3.76
C SER B 77 6.05 -14.81 4.15
N TYR B 78 4.83 -14.28 4.22
CA TYR B 78 3.65 -15.12 4.42
C TYR B 78 3.42 -16.03 3.23
N TRP B 79 3.40 -15.47 2.03
CA TRP B 79 3.17 -16.26 0.81
C TRP B 79 4.32 -17.24 0.62
N LYS B 80 5.56 -16.82 0.86
CA LYS B 80 6.70 -17.71 0.64
C LYS B 80 6.60 -18.94 1.53
N ALA B 81 6.16 -18.77 2.78
CA ALA B 81 5.99 -19.90 3.67
C ALA B 81 4.96 -20.88 3.14
N LEU B 82 3.97 -20.39 2.40
CA LEU B 82 2.94 -21.23 1.80
C LEU B 82 3.33 -21.80 0.44
N GLY B 83 4.50 -21.46 -0.09
CA GLY B 83 4.90 -21.95 -1.41
C GLY B 83 4.26 -21.27 -2.58
N ILE B 84 3.77 -20.05 -2.41
CA ILE B 84 3.02 -19.34 -3.43
C ILE B 84 3.82 -18.09 -3.78
N SER B 85 4.14 -17.94 -5.06
CA SER B 85 4.91 -16.79 -5.52
C SER B 85 4.12 -15.51 -5.28
N PRO B 86 4.69 -14.51 -4.61
CA PRO B 86 4.00 -13.24 -4.40
C PRO B 86 4.42 -12.16 -5.38
N PHE B 87 3.61 -11.11 -5.51
CA PHE B 87 4.03 -9.92 -6.22
C PHE B 87 4.64 -8.88 -5.30
N HIS B 88 4.00 -8.58 -4.18
CA HIS B 88 4.38 -7.43 -3.38
C HIS B 88 5.42 -7.82 -2.34
N GLU B 89 6.31 -6.86 -2.03
CA GLU B 89 7.25 -7.05 -0.93
C GLU B 89 6.51 -7.05 0.38
N HIS B 90 5.56 -6.15 0.51
CA HIS B 90 4.74 -6.02 1.69
C HIS B 90 3.53 -5.20 1.29
N ALA B 91 2.58 -5.11 2.19
CA ALA B 91 1.49 -4.16 2.02
C ALA B 91 1.73 -3.03 3.01
N GLU B 92 1.69 -1.79 2.50
CA GLU B 92 1.92 -0.59 3.30
C GLU B 92 0.61 0.17 3.41
N VAL B 93 0.27 0.58 4.63
CA VAL B 93 -0.92 1.37 4.87
C VAL B 93 -0.48 2.62 5.61
N VAL B 94 -0.64 3.80 4.99
CA VAL B 94 -0.10 5.06 5.52
C VAL B 94 -1.26 6.02 5.72
N PHE B 95 -1.36 6.61 6.91
CA PHE B 95 -2.53 7.40 7.27
C PHE B 95 -2.13 8.41 8.34
N THR B 96 -2.96 9.45 8.48
CA THR B 96 -2.81 10.40 9.57
C THR B 96 -3.82 10.08 10.68
N ALA B 97 -3.33 9.94 11.91
CA ALA B 97 -4.21 9.76 13.06
C ALA B 97 -4.76 11.11 13.49
N ASN B 98 -6.07 11.17 13.73
CA ASN B 98 -6.82 12.41 13.92
C ASN B 98 -7.65 12.30 15.18
N ASP B 99 -7.48 13.24 16.11
CA ASP B 99 -8.22 13.15 17.37
C ASP B 99 -9.69 13.53 17.23
N SER B 100 -10.05 14.29 16.22
CA SER B 100 -11.43 14.70 16.06
C SER B 100 -12.35 13.53 15.70
N GLY B 101 -11.80 12.43 15.20
CA GLY B 101 -12.59 11.30 14.75
C GLY B 101 -12.77 10.25 15.82
N PRO B 102 -13.37 9.12 15.46
CA PRO B 102 -13.58 8.06 16.44
C PRO B 102 -12.23 7.56 16.98
N ARG B 103 -12.32 6.88 18.12
CA ARG B 103 -11.17 6.61 18.97
C ARG B 103 -10.46 5.30 18.66
N ARG B 104 -11.04 4.42 17.85
CA ARG B 104 -10.45 3.11 17.58
C ARG B 104 -10.20 2.99 16.08
N TYR B 105 -8.99 2.60 15.70
CA TYR B 105 -8.63 2.34 14.31
C TYR B 105 -8.41 0.86 14.16
N THR B 106 -9.13 0.22 13.24
CA THR B 106 -8.82 -1.12 12.81
C THR B 106 -8.39 -1.05 11.35
N ILE B 107 -7.20 -1.52 11.08
CA ILE B 107 -6.67 -1.63 9.73
C ILE B 107 -6.89 -3.07 9.33
N ALA B 108 -7.75 -3.30 8.34
CA ALA B 108 -8.04 -4.64 7.85
C ALA B 108 -7.39 -4.80 6.49
N ALA B 109 -6.83 -5.97 6.27
CA ALA B 109 -6.23 -6.26 4.98
C ALA B 109 -6.63 -7.64 4.54
N LEU B 110 -6.89 -7.76 3.24
CA LEU B 110 -7.28 -8.99 2.58
C LEU B 110 -6.21 -9.29 1.54
N LEU B 111 -5.56 -10.43 1.67
CA LEU B 111 -4.36 -10.73 0.90
C LEU B 111 -4.56 -11.82 -0.15
N SER B 112 -4.04 -11.57 -1.34
N SER B 112 -4.05 -11.56 -1.34
CA SER B 112 -3.89 -12.53 -2.42
CA SER B 112 -3.90 -12.54 -2.41
C SER B 112 -2.46 -12.44 -2.94
C SER B 112 -2.49 -12.42 -2.97
N PRO B 113 -1.98 -13.45 -3.66
CA PRO B 113 -0.58 -13.40 -4.08
C PRO B 113 -0.23 -12.18 -4.93
N TYR B 114 -1.11 -11.73 -5.83
N TYR B 114 -1.11 -11.74 -5.82
CA TYR B 114 -0.84 -10.58 -6.70
CA TYR B 114 -0.84 -10.61 -6.69
C TYR B 114 -1.71 -9.36 -6.39
C TYR B 114 -1.78 -9.43 -6.44
N SER B 115 -2.39 -9.34 -5.25
CA SER B 115 -3.33 -8.28 -4.96
CA SER B 115 -3.33 -8.28 -4.96
C SER B 115 -3.55 -8.18 -3.46
N TYR B 116 -3.77 -6.95 -2.99
CA TYR B 116 -4.33 -6.83 -1.64
C TYR B 116 -5.27 -5.67 -1.59
N SER B 117 -6.16 -5.71 -0.61
CA SER B 117 -7.11 -4.61 -0.39
C SER B 117 -6.98 -4.23 1.08
N THR B 118 -7.11 -2.97 1.40
CA THR B 118 -7.07 -2.63 2.83
C THR B 118 -8.19 -1.63 3.09
N THR B 119 -8.81 -1.70 4.25
CA THR B 119 -9.79 -0.74 4.66
C THR B 119 -9.51 -0.34 6.09
N ALA B 120 -9.95 0.83 6.44
CA ALA B 120 -9.92 1.30 7.80
C ALA B 120 -11.34 1.33 8.36
N VAL B 121 -11.49 0.77 9.55
CA VAL B 121 -12.74 0.84 10.30
C VAL B 121 -12.44 1.69 11.52
N VAL B 122 -13.03 2.88 11.58
CA VAL B 122 -12.75 3.87 12.59
C VAL B 122 -14.02 4.05 13.40
N THR B 123 -13.99 3.59 14.67
CA THR B 123 -15.20 3.49 15.50
C THR B 123 -14.98 4.10 16.88
N ASN B 124 -16.10 4.36 17.55
CA ASN B 124 -16.14 4.90 18.91
C ASN B 124 -16.92 3.93 19.80
N PRO B 125 -16.29 3.29 20.82
CA PRO B 125 -17.02 2.43 21.73
C PRO B 125 -18.05 3.22 22.52
C10 A1ICE C . -9.63 -3.80 -14.93
C11 A1ICE C . -10.29 -2.65 -15.62
C12 A1ICE C . -11.38 -2.02 -15.04
C13 A1ICE C . -11.98 -0.96 -15.69
C14 A1ICE C . -11.51 -0.55 -16.94
C16 A1ICE C . -9.82 -2.25 -16.86
C15 A1ICE C . -10.42 -1.18 -17.51
C01 A1ICE C . -8.06 -2.86 -8.93
C02 A1ICE C . -8.62 -2.64 -10.18
C03 A1ICE C . -9.83 -3.25 -10.50
C04 A1ICE C . -10.47 -4.06 -9.57
C05 A1ICE C . -9.91 -4.27 -8.32
C06 A1ICE C . -8.70 -3.68 -8.00
C07 A1ICE C . -10.52 -3.07 -11.83
C17 A1ICE C . -12.15 0.62 -17.64
C21 A1ICE C . -12.60 -5.25 -9.09
N09 A1ICE C . -9.38 -3.82 -13.69
O08 A1ICE C . -9.61 -2.87 -12.91
O18 A1ICE C . -11.56 1.73 -17.59
O19 A1ICE C . -13.25 0.48 -18.21
O20 A1ICE C . -11.67 -4.61 -9.97
C1 GOL D . 0.70 -18.93 8.17
O1 GOL D . 0.20 -20.04 7.44
C2 GOL D . 2.16 -18.66 7.84
O2 GOL D . 2.37 -18.62 6.43
C3 GOL D . 3.04 -19.71 8.51
O3 GOL D . 2.76 -19.68 9.90
H11 GOL D . 0.63 -19.08 9.12
H12 GOL D . 0.19 -18.12 7.97
HO1 GOL D . -0.57 -20.21 7.74
H2 GOL D . 2.37 -17.78 8.20
HO2 GOL D . 1.82 -18.07 6.11
H31 GOL D . 3.97 -19.50 8.33
H32 GOL D . 2.86 -20.57 8.12
HO3 GOL D . 3.09 -20.38 10.26
C1 EDO E . -8.04 -9.64 -2.82
O1 EDO E . -6.87 -9.75 -2.03
C2 EDO E . -8.48 -8.20 -2.79
O2 EDO E . -7.57 -7.44 -3.56
H11 EDO E . -8.75 -10.20 -2.48
H12 EDO E . -7.89 -9.91 -3.73
HO1 EDO E . -6.37 -9.10 -2.23
H21 EDO E . -8.52 -7.92 -1.86
H22 EDO E . -9.39 -8.15 -3.12
HO2 EDO E . -6.79 -7.57 -3.26
C10 A1ICE F . -13.32 -8.67 8.83
C11 A1ICE F . -13.56 -9.91 9.62
C12 A1ICE F . -13.55 -9.89 11.02
C13 A1ICE F . -13.77 -11.08 11.73
C14 A1ICE F . -14.01 -12.28 11.05
C16 A1ICE F . -13.80 -11.10 8.96
C15 A1ICE F . -14.03 -12.27 9.67
C01 A1ICE F . -10.26 -6.06 3.82
C02 A1ICE F . -10.93 -6.80 4.79
C03 A1ICE F . -12.09 -7.50 4.45
C04 A1ICE F . -12.55 -7.48 3.14
C05 A1ICE F . -11.89 -6.74 2.16
C06 A1ICE F . -10.74 -6.04 2.51
C07 A1ICE F . -12.87 -8.31 5.45
C17 A1ICE F . -14.27 -13.57 11.79
C21 A1ICE F . -14.14 -8.48 1.53
N09 A1ICE F . -12.93 -8.86 7.64
O08 A1ICE F . -12.66 -7.96 6.81
O18 A1ICE F . -14.95 -13.54 12.83
O19 A1ICE F . -13.79 -14.63 11.33
O20 A1ICE F . -13.70 -8.19 2.86
#